data_5O1D
#
_entry.id   5O1D
#
_cell.length_a   65.176
_cell.length_b   71.185
_cell.length_c   105.321
_cell.angle_alpha   90.00
_cell.angle_beta   90.00
_cell.angle_gamma   90.00
#
_symmetry.space_group_name_H-M   'P 21 21 21'
#
loop_
_entity.id
_entity.type
_entity.pdbx_description
1 polymer 'Cellular tumor antigen p53'
2 non-polymer 'ZINC ION'
3 non-polymer '3-iodanyl-2-oxidanyl-5-propoxy-4-pyrrol-1-yl-benzoic acid'
4 non-polymer GLYCEROL
5 water water
#
_entity_poly.entity_id   1
_entity_poly.type   'polypeptide(L)'
_entity_poly.pdbx_seq_one_letter_code
;SSSVPSQKTYQGSYGFRLGFLHSGTAKSVTCTYSPALNKLFCQLAKTCPVQLWVDSTPPPGTRVRAMAIYKQSQHMTEVV
RRCPHHERCSDSDGLAPPQHLIRVEGNLRAEYLDDRNTFRHSVVVPCEPPEVGSDCTTIHYNYMCYSSCMGGMNRRPILT
IITLEDSSGNLLGRDSFEVRVCACPGRDRRTEEENLRKKGEPHHELPPGSTKRALPNNT
;
_entity_poly.pdbx_strand_id   A,B
#
loop_
_chem_comp.id
_chem_comp.type
_chem_comp.name
_chem_comp.formula
9GW non-polymer '3-iodanyl-2-oxidanyl-5-propoxy-4-pyrrol-1-yl-benzoic acid' 'C14 H14 I N O4'
GOL non-polymer GLYCEROL 'C3 H8 O3'
ZN non-polymer 'ZINC ION' 'Zn 2'
#
# COMPACT_ATOMS: atom_id res chain seq x y z
N SER A 3 -14.57 1.81 -3.32
CA SER A 3 -13.67 0.74 -2.87
C SER A 3 -12.39 0.69 -3.68
N VAL A 4 -11.40 -0.01 -3.12
CA VAL A 4 -10.07 -0.11 -3.69
C VAL A 4 -9.56 -1.54 -3.55
N PRO A 5 -9.15 -2.19 -4.63
CA PRO A 5 -8.60 -3.54 -4.50
C PRO A 5 -7.30 -3.54 -3.69
N SER A 6 -7.12 -4.57 -2.88
CA SER A 6 -5.88 -4.69 -2.13
C SER A 6 -4.70 -4.91 -3.06
N GLN A 7 -3.56 -4.35 -2.68
CA GLN A 7 -2.30 -4.58 -3.38
C GLN A 7 -1.27 -5.30 -2.51
N LYS A 8 -1.69 -5.88 -1.40
CA LYS A 8 -0.74 -6.49 -0.48
C LYS A 8 -0.17 -7.77 -1.08
N THR A 9 1.16 -7.86 -1.11
CA THR A 9 1.80 -9.07 -1.61
C THR A 9 1.46 -10.24 -0.69
N TYR A 10 1.07 -11.36 -1.28
CA TYR A 10 0.61 -12.51 -0.51
C TYR A 10 0.97 -13.77 -1.28
N GLN A 11 1.99 -14.50 -0.82
CA GLN A 11 2.37 -15.71 -1.54
C GLN A 11 1.34 -16.83 -1.37
N GLY A 12 0.69 -16.90 -0.21
CA GLY A 12 -0.33 -17.92 0.01
C GLY A 12 0.26 -19.32 0.10
N SER A 13 -0.65 -20.31 0.12
CA SER A 13 -0.29 -21.69 0.37
C SER A 13 0.56 -22.29 -0.74
N TYR A 14 0.49 -21.75 -1.95
CA TYR A 14 1.23 -22.31 -3.08
C TYR A 14 2.52 -21.56 -3.39
N GLY A 15 2.87 -20.55 -2.59
CA GLY A 15 4.11 -19.81 -2.82
C GLY A 15 4.09 -19.02 -4.11
N PHE A 16 2.99 -18.34 -4.40
CA PHE A 16 2.81 -17.65 -5.68
C PHE A 16 3.60 -16.34 -5.72
N ARG A 17 4.32 -16.13 -6.83
CA ARG A 17 4.96 -14.85 -7.06
C ARG A 17 5.26 -14.68 -8.54
N LEU A 18 5.55 -13.45 -8.95
CA LEU A 18 5.82 -13.15 -10.34
C LEU A 18 7.31 -13.22 -10.65
N GLY A 19 7.63 -13.27 -11.93
CA GLY A 19 9.01 -13.14 -12.38
C GLY A 19 9.03 -12.38 -13.69
N PHE A 20 10.15 -11.74 -13.98
CA PHE A 20 10.30 -10.95 -15.18
C PHE A 20 11.61 -11.28 -15.86
N LEU A 21 11.61 -11.18 -17.19
CA LEU A 21 12.82 -11.37 -17.99
C LEU A 21 13.79 -10.22 -17.76
N HIS A 22 15.03 -10.42 -18.21
CA HIS A 22 16.07 -9.39 -18.11
C HIS A 22 16.36 -8.87 -19.53
N SER A 23 15.61 -7.85 -19.92
CA SER A 23 15.60 -7.37 -21.29
C SER A 23 16.57 -6.23 -21.55
N GLY A 24 17.14 -5.62 -20.51
CA GLY A 24 18.06 -4.52 -20.71
C GLY A 24 17.36 -3.20 -21.01
N THR A 25 18.19 -2.19 -21.30
CA THR A 25 17.66 -0.84 -21.47
C THR A 25 18.09 -0.20 -22.78
N ALA A 26 18.41 -0.99 -23.79
CA ALA A 26 18.75 -0.43 -25.09
C ALA A 26 17.59 0.38 -25.65
N LYS A 27 17.91 1.37 -26.49
CA LYS A 27 16.88 2.24 -27.05
C LYS A 27 15.79 1.44 -27.77
N SER A 28 16.13 0.26 -28.29
CA SER A 28 15.20 -0.54 -29.07
C SER A 28 14.30 -1.44 -28.24
N VAL A 29 14.53 -1.55 -26.92
CA VAL A 29 13.77 -2.49 -26.12
C VAL A 29 12.30 -2.09 -26.08
N THR A 30 11.40 -3.07 -26.14
CA THR A 30 9.97 -2.80 -26.17
C THR A 30 9.28 -3.06 -24.82
N CYS A 31 9.94 -3.78 -23.92
CA CYS A 31 9.41 -4.10 -22.61
C CYS A 31 10.62 -4.40 -21.73
N THR A 32 10.68 -3.75 -20.57
CA THR A 32 11.80 -3.96 -19.66
C THR A 32 11.34 -3.72 -18.23
N TYR A 33 11.81 -4.56 -17.31
CA TYR A 33 11.38 -4.54 -15.92
C TYR A 33 12.53 -4.05 -15.03
N SER A 34 12.21 -3.13 -14.12
CA SER A 34 13.17 -2.62 -13.16
C SER A 34 12.92 -3.24 -11.80
N PRO A 35 13.76 -4.15 -11.31
CA PRO A 35 13.57 -4.65 -9.94
C PRO A 35 13.73 -3.56 -8.90
N ALA A 36 14.64 -2.60 -9.11
CA ALA A 36 14.85 -1.57 -8.11
C ALA A 36 13.61 -0.71 -7.90
N LEU A 37 12.84 -0.48 -8.96
CA LEU A 37 11.62 0.30 -8.90
C LEU A 37 10.35 -0.56 -8.79
N ASN A 38 10.47 -1.88 -8.90
CA ASN A 38 9.33 -2.80 -9.11
C ASN A 38 8.38 -2.23 -10.16
N LYS A 39 8.92 -1.95 -11.34
CA LYS A 39 8.20 -1.20 -12.36
C LYS A 39 8.51 -1.74 -13.73
N LEU A 40 7.46 -2.05 -14.49
CA LEU A 40 7.57 -2.49 -15.87
C LEU A 40 7.40 -1.27 -16.77
N PHE A 41 8.28 -1.14 -17.76
CA PHE A 41 8.21 -0.10 -18.77
C PHE A 41 7.97 -0.78 -20.11
N CYS A 42 6.93 -0.36 -20.84
CA CYS A 42 6.61 -1.04 -22.08
C CYS A 42 6.04 -0.07 -23.10
N GLN A 43 6.20 -0.44 -24.37
CA GLN A 43 5.58 0.30 -25.46
C GLN A 43 4.12 -0.11 -25.61
N LEU A 44 3.36 0.76 -26.27
CA LEU A 44 1.94 0.55 -26.49
C LEU A 44 1.67 -0.73 -27.27
N ALA A 45 0.83 -1.60 -26.71
CA ALA A 45 0.32 -2.78 -27.40
C ALA A 45 1.41 -3.80 -27.73
N LYS A 46 2.54 -3.75 -27.06
CA LYS A 46 3.61 -4.73 -27.27
C LYS A 46 3.56 -5.82 -26.21
N THR A 47 4.13 -6.97 -26.55
CA THR A 47 4.10 -8.13 -25.67
C THR A 47 4.87 -7.87 -24.38
N CYS A 48 4.21 -8.13 -23.25
CA CYS A 48 4.84 -8.03 -21.93
C CYS A 48 4.81 -9.42 -21.28
N PRO A 49 5.92 -10.15 -21.30
CA PRO A 49 5.92 -11.48 -20.69
C PRO A 49 6.01 -11.36 -19.18
N VAL A 50 5.08 -11.98 -18.49
CA VAL A 50 5.09 -12.03 -17.03
C VAL A 50 5.10 -13.48 -16.61
N GLN A 51 6.11 -13.88 -15.84
CA GLN A 51 6.20 -15.25 -15.36
C GLN A 51 5.41 -15.43 -14.08
N LEU A 52 4.80 -16.60 -13.94
CA LEU A 52 4.13 -17.03 -12.73
C LEU A 52 4.93 -18.18 -12.14
N TRP A 53 5.28 -18.08 -10.85
CA TRP A 53 6.06 -19.08 -10.14
C TRP A 53 5.27 -19.53 -8.92
N VAL A 54 5.32 -20.84 -8.63
CA VAL A 54 4.74 -21.40 -7.43
C VAL A 54 5.72 -22.41 -6.83
N ASP A 55 5.56 -22.65 -5.52
CA ASP A 55 6.31 -23.72 -4.86
C ASP A 55 5.60 -25.07 -4.94
N SER A 56 4.27 -25.08 -5.11
CA SER A 56 3.53 -26.32 -5.23
C SER A 56 2.35 -26.11 -6.17
N THR A 57 1.85 -27.20 -6.73
CA THR A 57 0.83 -27.15 -7.78
C THR A 57 -0.53 -26.74 -7.22
N PRO A 58 -1.14 -25.68 -7.71
CA PRO A 58 -2.50 -25.33 -7.27
C PRO A 58 -3.53 -26.28 -7.87
N PRO A 59 -4.74 -26.31 -7.32
CA PRO A 59 -5.76 -27.27 -7.78
C PRO A 59 -6.26 -26.97 -9.19
N PRO A 60 -6.79 -27.99 -9.87
CA PRO A 60 -7.47 -27.72 -11.15
C PRO A 60 -8.55 -26.67 -10.98
N GLY A 61 -8.64 -25.75 -11.93
CA GLY A 61 -9.61 -24.69 -11.86
C GLY A 61 -9.08 -23.39 -11.30
N THR A 62 -7.85 -23.38 -10.79
CA THR A 62 -7.23 -22.14 -10.35
C THR A 62 -7.03 -21.21 -11.55
N ARG A 63 -7.18 -19.91 -11.32
CA ARG A 63 -7.06 -18.92 -12.39
C ARG A 63 -6.15 -17.77 -11.96
N VAL A 64 -5.71 -16.99 -12.95
CA VAL A 64 -4.82 -15.84 -12.72
C VAL A 64 -5.50 -14.62 -13.33
N ARG A 65 -5.74 -13.60 -12.49
CA ARG A 65 -6.42 -12.38 -12.91
C ARG A 65 -5.47 -11.19 -12.87
N ALA A 66 -5.62 -10.27 -13.82
CA ALA A 66 -4.85 -9.02 -13.83
C ALA A 66 -5.81 -7.84 -13.83
N MET A 67 -5.48 -6.82 -13.05
CA MET A 67 -6.29 -5.62 -12.92
C MET A 67 -5.35 -4.43 -12.70
N ALA A 68 -5.70 -3.27 -13.26
CA ALA A 68 -4.92 -2.07 -13.04
C ALA A 68 -5.65 -1.14 -12.08
N ILE A 69 -4.89 -0.48 -11.20
CA ILE A 69 -5.41 0.59 -10.35
C ILE A 69 -4.43 1.76 -10.43
N TYR A 70 -4.94 2.96 -10.14
CA TYR A 70 -4.04 4.09 -9.99
C TYR A 70 -3.21 3.93 -8.72
N LYS A 71 -1.93 4.30 -8.82
CA LYS A 71 -1.00 4.14 -7.70
C LYS A 71 -1.20 5.22 -6.63
N GLN A 72 -1.55 6.45 -7.03
CA GLN A 72 -1.70 7.54 -6.08
C GLN A 72 -3.03 7.42 -5.34
N SER A 73 -2.99 7.59 -4.01
CA SER A 73 -4.18 7.36 -3.21
CA SER A 73 -4.19 7.37 -3.20
C SER A 73 -5.35 8.25 -3.63
N GLN A 74 -5.07 9.49 -4.03
CA GLN A 74 -6.13 10.41 -4.41
C GLN A 74 -6.82 10.03 -5.71
N HIS A 75 -6.29 9.06 -6.46
CA HIS A 75 -6.91 8.57 -7.68
C HIS A 75 -7.33 7.11 -7.59
N MET A 76 -7.10 6.45 -6.46
CA MET A 76 -7.25 5.01 -6.40
C MET A 76 -8.69 4.54 -6.63
N THR A 77 -9.68 5.37 -6.31
CA THR A 77 -11.06 4.95 -6.52
C THR A 77 -11.53 5.11 -7.96
N GLU A 78 -10.75 5.75 -8.83
CA GLU A 78 -11.14 5.92 -10.22
C GLU A 78 -10.77 4.67 -11.01
N VAL A 79 -11.72 4.17 -11.82
CA VAL A 79 -11.46 3.01 -12.66
C VAL A 79 -10.41 3.36 -13.71
N VAL A 80 -9.38 2.51 -13.84
CA VAL A 80 -8.41 2.64 -14.92
C VAL A 80 -9.04 2.10 -16.20
N ARG A 81 -9.09 2.94 -17.23
CA ARG A 81 -9.69 2.54 -18.50
C ARG A 81 -8.92 3.20 -19.63
N ARG A 82 -9.17 2.73 -20.84
CA ARG A 82 -8.58 3.38 -22.01
C ARG A 82 -9.19 4.76 -22.22
N CYS A 83 -8.39 5.63 -22.83
CA CYS A 83 -8.74 7.04 -23.05
C CYS A 83 -9.80 7.16 -24.14
N PRO A 84 -10.37 8.37 -24.29
CA PRO A 84 -11.47 8.53 -25.26
C PRO A 84 -11.07 8.27 -26.70
N HIS A 85 -9.78 8.40 -27.02
CA HIS A 85 -9.31 8.06 -28.36
C HIS A 85 -9.18 6.55 -28.52
N HIS A 86 -8.42 5.91 -27.63
CA HIS A 86 -8.11 4.50 -27.83
C HIS A 86 -9.33 3.60 -27.67
N GLU A 87 -10.29 3.98 -26.83
CA GLU A 87 -11.48 3.14 -26.72
C GLU A 87 -12.28 3.11 -28.01
N ARG A 88 -12.05 4.06 -28.93
CA ARG A 88 -12.79 4.17 -30.19
C ARG A 88 -11.96 3.81 -31.41
N CYS A 89 -10.76 3.27 -31.25
N CYS A 89 -10.76 3.27 -31.23
CA CYS A 89 -9.91 3.08 -32.42
CA CYS A 89 -9.85 3.01 -32.35
C CYS A 89 -10.08 1.71 -33.09
C CYS A 89 -10.26 1.83 -33.20
N SER A 90 -11.04 0.90 -32.66
CA SER A 90 -11.41 -0.32 -33.37
C SER A 90 -10.20 -1.22 -33.59
N ASP A 91 -9.38 -1.38 -32.54
CA ASP A 91 -8.26 -2.29 -32.55
C ASP A 91 -8.56 -3.58 -31.79
N SER A 92 -9.83 -3.99 -31.76
CA SER A 92 -10.23 -5.14 -30.98
C SER A 92 -9.58 -6.42 -31.54
N ASP A 93 -9.33 -7.36 -30.63
CA ASP A 93 -8.90 -8.70 -31.00
C ASP A 93 -10.07 -9.67 -31.04
N GLY A 94 -11.30 -9.17 -30.99
CA GLY A 94 -12.48 -10.02 -30.98
C GLY A 94 -12.88 -10.56 -29.62
N LEU A 95 -12.11 -10.27 -28.57
CA LEU A 95 -12.39 -10.80 -27.24
C LEU A 95 -12.33 -9.71 -26.18
N ALA A 96 -11.30 -8.88 -26.21
CA ALA A 96 -11.18 -7.81 -25.22
C ALA A 96 -12.18 -6.69 -25.55
N PRO A 97 -12.94 -6.22 -24.56
CA PRO A 97 -13.75 -5.02 -24.80
C PRO A 97 -12.85 -3.86 -25.12
N PRO A 98 -13.29 -2.94 -25.98
CA PRO A 98 -12.42 -1.82 -26.38
C PRO A 98 -12.03 -0.88 -25.25
N GLN A 99 -12.75 -0.90 -24.12
CA GLN A 99 -12.43 -0.04 -23.00
C GLN A 99 -11.29 -0.56 -22.12
N HIS A 100 -10.94 -1.85 -22.23
CA HIS A 100 -10.00 -2.45 -21.29
C HIS A 100 -8.55 -2.09 -21.62
N LEU A 101 -7.84 -1.61 -20.59
CA LEU A 101 -6.41 -1.31 -20.76
C LEU A 101 -5.58 -2.57 -20.96
N ILE A 102 -5.81 -3.61 -20.15
CA ILE A 102 -4.97 -4.80 -20.14
C ILE A 102 -5.63 -5.89 -20.95
N ARG A 103 -4.91 -6.43 -21.92
CA ARG A 103 -5.31 -7.60 -22.67
C ARG A 103 -4.33 -8.73 -22.43
N VAL A 104 -4.82 -9.96 -22.59
CA VAL A 104 -3.95 -11.13 -22.68
C VAL A 104 -3.83 -11.51 -24.14
N GLU A 105 -2.60 -11.73 -24.58
CA GLU A 105 -2.30 -12.05 -25.96
C GLU A 105 -2.23 -13.57 -26.13
N GLY A 106 -2.83 -14.06 -27.21
CA GLY A 106 -2.64 -15.44 -27.62
C GLY A 106 -3.20 -16.49 -26.69
N ASN A 107 -4.34 -16.23 -26.06
CA ASN A 107 -4.99 -17.22 -25.19
C ASN A 107 -6.50 -17.09 -25.38
N LEU A 108 -7.07 -18.02 -26.14
CA LEU A 108 -8.49 -17.97 -26.43
C LEU A 108 -9.37 -18.25 -25.21
N ARG A 109 -8.79 -18.67 -24.10
CA ARG A 109 -9.55 -18.90 -22.88
C ARG A 109 -9.54 -17.71 -21.93
N ALA A 110 -8.95 -16.60 -22.35
CA ALA A 110 -9.01 -15.39 -21.54
C ALA A 110 -10.45 -14.90 -21.45
N GLU A 111 -10.82 -14.45 -20.26
CA GLU A 111 -12.14 -13.88 -20.03
CA GLU A 111 -12.15 -13.89 -20.00
C GLU A 111 -11.97 -12.46 -19.49
N TYR A 112 -12.80 -11.56 -19.98
CA TYR A 112 -12.75 -10.15 -19.60
C TYR A 112 -13.97 -9.82 -18.73
N LEU A 113 -13.72 -9.21 -17.59
CA LEU A 113 -14.79 -8.89 -16.64
C LEU A 113 -14.94 -7.38 -16.52
N ASP A 114 -16.19 -6.92 -16.62
CA ASP A 114 -16.60 -5.60 -16.15
C ASP A 114 -17.35 -5.86 -14.85
N ASP A 115 -16.75 -5.50 -13.73
CA ASP A 115 -17.36 -5.81 -12.45
C ASP A 115 -18.69 -5.07 -12.30
N ARG A 116 -19.75 -5.82 -11.98
CA ARG A 116 -21.08 -5.23 -11.93
C ARG A 116 -21.24 -4.26 -10.77
N ASN A 117 -20.39 -4.33 -9.76
CA ASN A 117 -20.48 -3.46 -8.59
C ASN A 117 -19.43 -2.37 -8.55
N THR A 118 -18.17 -2.67 -8.88
CA THR A 118 -17.11 -1.68 -8.85
C THR A 118 -16.85 -1.05 -10.22
N PHE A 119 -17.34 -1.66 -11.30
CA PHE A 119 -17.11 -1.20 -12.65
C PHE A 119 -15.65 -1.36 -13.09
N ARG A 120 -14.82 -2.01 -12.30
CA ARG A 120 -13.44 -2.17 -12.69
C ARG A 120 -13.29 -3.28 -13.71
N HIS A 121 -12.24 -3.17 -14.53
CA HIS A 121 -11.96 -4.13 -15.58
C HIS A 121 -10.90 -5.10 -15.11
N SER A 122 -11.00 -6.35 -15.58
CA SER A 122 -9.93 -7.29 -15.35
C SER A 122 -9.97 -8.35 -16.44
N VAL A 123 -8.87 -9.07 -16.56
CA VAL A 123 -8.75 -10.17 -17.50
C VAL A 123 -8.20 -11.37 -16.74
N VAL A 124 -8.84 -12.52 -16.93
CA VAL A 124 -8.52 -13.72 -16.16
C VAL A 124 -8.32 -14.89 -17.09
N VAL A 125 -7.31 -15.72 -16.79
CA VAL A 125 -7.03 -16.91 -17.60
C VAL A 125 -6.92 -18.13 -16.69
N PRO A 126 -7.22 -19.32 -17.21
CA PRO A 126 -6.98 -20.55 -16.43
C PRO A 126 -5.49 -20.78 -16.25
N CYS A 127 -5.11 -21.25 -15.08
CA CYS A 127 -3.74 -21.68 -14.87
C CYS A 127 -3.44 -22.91 -15.72
N GLU A 128 -2.28 -22.91 -16.34
CA GLU A 128 -1.80 -24.09 -17.03
C GLU A 128 -0.40 -24.42 -16.53
N PRO A 129 -0.08 -25.69 -16.34
CA PRO A 129 1.25 -26.04 -15.84
C PRO A 129 2.32 -25.69 -16.84
N PRO A 130 3.55 -25.51 -16.40
CA PRO A 130 4.65 -25.23 -17.33
C PRO A 130 4.78 -26.31 -18.40
N GLU A 131 5.23 -25.90 -19.58
CA GLU A 131 5.55 -26.85 -20.63
C GLU A 131 6.71 -27.74 -20.18
N VAL A 132 6.78 -28.94 -20.75
CA VAL A 132 7.86 -29.86 -20.43
C VAL A 132 9.19 -29.17 -20.68
N GLY A 133 10.07 -29.19 -19.68
CA GLY A 133 11.35 -28.53 -19.74
C GLY A 133 11.38 -27.14 -19.15
N SER A 134 10.23 -26.61 -18.76
CA SER A 134 10.16 -25.28 -18.15
C SER A 134 9.75 -25.39 -16.70
N ASP A 135 10.15 -24.39 -15.92
CA ASP A 135 9.88 -24.36 -14.49
C ASP A 135 8.82 -23.36 -14.09
N CYS A 136 8.34 -22.55 -15.03
CA CYS A 136 7.32 -21.56 -14.74
C CYS A 136 6.42 -21.44 -15.95
N THR A 137 5.32 -20.72 -15.78
CA THR A 137 4.41 -20.42 -16.86
CA THR A 137 4.38 -20.42 -16.84
C THR A 137 4.42 -18.92 -17.12
N THR A 138 4.26 -18.55 -18.38
CA THR A 138 4.32 -17.14 -18.77
C THR A 138 2.97 -16.72 -19.36
N ILE A 139 2.49 -15.56 -18.93
CA ILE A 139 1.34 -14.92 -19.55
C ILE A 139 1.84 -13.71 -20.31
N HIS A 140 1.33 -13.50 -21.51
CA HIS A 140 1.71 -12.36 -22.34
C HIS A 140 0.62 -11.30 -22.25
N TYR A 141 0.94 -10.16 -21.63
CA TYR A 141 0.00 -9.06 -21.51
C TYR A 141 0.31 -7.96 -22.52
N ASN A 142 -0.72 -7.20 -22.87
CA ASN A 142 -0.56 -5.98 -23.65
C ASN A 142 -1.25 -4.85 -22.91
N TYR A 143 -0.64 -3.67 -22.92
CA TYR A 143 -1.23 -2.47 -22.35
C TYR A 143 -1.61 -1.54 -23.50
N MET A 144 -2.88 -1.11 -23.53
CA MET A 144 -3.49 -0.59 -24.75
C MET A 144 -3.68 0.93 -24.77
N CYS A 145 -3.07 1.65 -23.83
CA CYS A 145 -2.98 3.11 -23.84
C CYS A 145 -1.62 3.49 -23.26
N TYR A 146 -1.14 4.67 -23.66
CA TYR A 146 0.04 5.26 -23.02
C TYR A 146 -0.32 5.84 -21.67
N SER A 147 0.66 5.81 -20.75
CA SER A 147 0.47 6.47 -19.47
C SER A 147 0.08 7.93 -19.64
N SER A 148 0.54 8.57 -20.71
CA SER A 148 0.29 9.99 -20.96
C SER A 148 -1.05 10.28 -21.62
N CYS A 149 -1.84 9.28 -21.99
CA CYS A 149 -3.03 9.54 -22.81
C CYS A 149 -3.98 10.52 -22.12
N MET A 150 -4.31 11.59 -22.82
CA MET A 150 -5.23 12.59 -22.29
C MET A 150 -6.63 12.02 -22.16
N GLY A 151 -7.30 12.38 -21.06
CA GLY A 151 -8.62 11.84 -20.79
C GLY A 151 -8.63 10.41 -20.31
N GLY A 152 -7.47 9.76 -20.25
CA GLY A 152 -7.35 8.43 -19.70
C GLY A 152 -6.41 8.45 -18.51
N MET A 153 -5.32 7.69 -18.57
CA MET A 153 -4.39 7.71 -17.45
C MET A 153 -3.81 9.09 -17.20
N ASN A 154 -3.61 9.89 -18.26
CA ASN A 154 -3.30 11.31 -18.12
C ASN A 154 -2.07 11.53 -17.23
N ARG A 155 -1.02 10.75 -17.47
CA ARG A 155 0.29 10.82 -16.82
CA ARG A 155 0.29 10.81 -16.82
C ARG A 155 0.27 10.26 -15.39
N ARG A 156 -0.82 9.73 -14.92
CA ARG A 156 -0.89 9.17 -13.58
C ARG A 156 -0.33 7.75 -13.58
N PRO A 157 0.57 7.42 -12.65
CA PRO A 157 1.11 6.05 -12.60
CA PRO A 157 1.10 6.05 -12.61
C PRO A 157 0.04 5.05 -12.19
N ILE A 158 0.19 3.83 -12.71
CA ILE A 158 -0.71 2.73 -12.37
C ILE A 158 0.10 1.56 -11.81
N LEU A 159 -0.60 0.71 -11.08
N LEU A 159 -0.63 0.64 -11.18
CA LEU A 159 -0.12 -0.61 -10.70
CA LEU A 159 -0.09 -0.61 -10.67
C LEU A 159 -0.94 -1.66 -11.44
C LEU A 159 -0.94 -1.75 -11.19
N THR A 160 -0.30 -2.78 -11.75
CA THR A 160 -1.01 -3.99 -12.13
C THR A 160 -0.97 -4.94 -10.94
N ILE A 161 -2.14 -5.45 -10.56
CA ILE A 161 -2.28 -6.42 -9.50
C ILE A 161 -2.60 -7.77 -10.14
N ILE A 162 -1.77 -8.77 -9.85
CA ILE A 162 -1.97 -10.12 -10.38
C ILE A 162 -2.42 -10.99 -9.21
N THR A 163 -3.58 -11.61 -9.33
CA THR A 163 -4.09 -12.46 -8.26
CA THR A 163 -4.14 -12.44 -8.27
C THR A 163 -4.26 -13.89 -8.75
N LEU A 164 -3.88 -14.82 -7.89
CA LEU A 164 -4.15 -16.23 -8.09
C LEU A 164 -5.45 -16.51 -7.34
N GLU A 165 -6.42 -17.12 -8.03
CA GLU A 165 -7.77 -17.26 -7.50
C GLU A 165 -8.25 -18.71 -7.65
N ASP A 166 -9.06 -19.17 -6.71
CA ASP A 166 -9.70 -20.47 -6.87
C ASP A 166 -10.86 -20.36 -7.86
N SER A 167 -11.54 -21.48 -8.08
CA SER A 167 -12.58 -21.54 -9.11
C SER A 167 -13.76 -20.63 -8.82
N SER A 168 -13.98 -20.27 -7.54
CA SER A 168 -15.03 -19.34 -7.14
C SER A 168 -14.56 -17.90 -7.10
N GLY A 169 -13.29 -17.64 -7.38
CA GLY A 169 -12.76 -16.30 -7.32
C GLY A 169 -12.15 -15.91 -5.99
N ASN A 170 -12.05 -16.85 -5.04
CA ASN A 170 -11.44 -16.53 -3.75
C ASN A 170 -9.93 -16.39 -3.88
N LEU A 171 -9.36 -15.52 -3.05
CA LEU A 171 -7.95 -15.17 -3.13
C LEU A 171 -7.06 -16.33 -2.70
N LEU A 172 -6.08 -16.68 -3.53
CA LEU A 172 -5.04 -17.63 -3.14
C LEU A 172 -3.64 -17.02 -3.08
N GLY A 173 -3.40 -15.93 -3.80
CA GLY A 173 -2.10 -15.30 -3.83
C GLY A 173 -2.22 -13.97 -4.57
N ARG A 174 -1.27 -13.08 -4.32
CA ARG A 174 -1.29 -11.76 -4.93
C ARG A 174 0.12 -11.22 -5.07
N ASP A 175 0.37 -10.54 -6.18
CA ASP A 175 1.62 -9.82 -6.41
C ASP A 175 1.25 -8.59 -7.25
N SER A 176 2.19 -7.68 -7.41
CA SER A 176 1.88 -6.45 -8.15
C SER A 176 3.16 -5.78 -8.61
N PHE A 177 3.00 -4.87 -9.57
CA PHE A 177 4.12 -4.08 -10.10
C PHE A 177 3.56 -2.79 -10.70
N GLU A 178 4.36 -1.74 -10.64
CA GLU A 178 4.00 -0.49 -11.31
C GLU A 178 4.23 -0.65 -12.81
N VAL A 179 3.48 0.11 -13.62
CA VAL A 179 3.63 0.07 -15.07
C VAL A 179 3.70 1.49 -15.61
N ARG A 180 4.63 1.73 -16.54
CA ARG A 180 4.64 2.92 -17.36
C ARG A 180 4.58 2.47 -18.81
N VAL A 181 3.57 2.92 -19.53
CA VAL A 181 3.45 2.64 -20.96
C VAL A 181 3.94 3.89 -21.69
N CYS A 182 5.00 3.73 -22.48
CA CYS A 182 5.71 4.89 -23.00
C CYS A 182 6.42 4.53 -24.31
N ALA A 183 6.87 5.56 -25.02
CA ALA A 183 7.48 5.34 -26.33
C ALA A 183 8.87 4.74 -26.23
N CYS A 184 9.63 5.06 -25.18
CA CYS A 184 11.02 4.61 -25.05
CA CYS A 184 11.03 4.62 -25.05
C CYS A 184 11.25 4.02 -23.66
N PRO A 185 10.80 2.79 -23.44
CA PRO A 185 10.95 2.18 -22.11
C PRO A 185 12.39 2.04 -21.63
N GLY A 186 13.36 1.79 -22.52
CA GLY A 186 14.74 1.66 -22.08
C GLY A 186 15.28 2.96 -21.52
N ARG A 187 15.03 4.07 -22.24
CA ARG A 187 15.46 5.38 -21.74
C ARG A 187 14.75 5.75 -20.45
N ASP A 188 13.44 5.50 -20.38
CA ASP A 188 12.71 5.89 -19.19
C ASP A 188 13.13 5.05 -17.99
N ARG A 189 13.40 3.76 -18.18
CA ARG A 189 13.90 2.96 -17.07
C ARG A 189 15.24 3.48 -16.58
N ARG A 190 16.15 3.79 -17.50
CA ARG A 190 17.44 4.33 -17.11
C ARG A 190 17.28 5.65 -16.35
N THR A 191 16.42 6.54 -16.85
CA THR A 191 16.20 7.83 -16.19
C THR A 191 15.67 7.64 -14.78
N GLU A 192 14.64 6.79 -14.63
CA GLU A 192 14.01 6.66 -13.31
C GLU A 192 14.94 5.94 -12.33
N GLU A 193 15.72 4.97 -12.81
CA GLU A 193 16.69 4.32 -11.93
C GLU A 193 17.77 5.31 -11.48
N GLU A 194 18.15 6.24 -12.36
CA GLU A 194 19.13 7.24 -11.97
C GLU A 194 18.52 8.22 -10.96
N ASN A 195 17.27 8.63 -11.16
CA ASN A 195 16.61 9.47 -10.18
C ASN A 195 16.59 8.79 -8.81
N LEU A 196 16.27 7.49 -8.78
CA LEU A 196 16.27 6.76 -7.52
C LEU A 196 17.65 6.74 -6.88
N ARG A 197 18.69 6.51 -7.70
CA ARG A 197 20.06 6.52 -7.18
C ARG A 197 20.42 7.88 -6.60
N LYS A 198 20.09 8.96 -7.31
CA LYS A 198 20.43 10.29 -6.84
C LYS A 198 19.72 10.62 -5.53
N LYS A 199 18.55 10.04 -5.29
CA LYS A 199 17.82 10.25 -4.04
C LYS A 199 18.40 9.39 -2.92
N SER B 2 -14.15 16.52 24.35
CA SER B 2 -14.21 15.09 24.66
C SER B 2 -13.22 14.74 25.78
N SER B 3 -13.53 13.71 26.56
CA SER B 3 -12.63 13.27 27.63
C SER B 3 -11.30 12.81 27.02
N VAL B 4 -10.28 12.73 27.89
CA VAL B 4 -8.90 12.57 27.45
C VAL B 4 -8.44 11.14 27.74
N PRO B 5 -8.10 10.36 26.72
CA PRO B 5 -7.57 9.01 26.95
C PRO B 5 -6.25 9.06 27.70
N SER B 6 -6.05 8.07 28.56
CA SER B 6 -4.78 7.98 29.29
C SER B 6 -3.63 7.71 28.34
N GLN B 7 -2.48 8.29 28.64
CA GLN B 7 -1.24 7.99 27.94
C GLN B 7 -0.21 7.30 28.82
N LYS B 8 -0.60 6.86 30.02
CA LYS B 8 0.37 6.30 30.96
C LYS B 8 0.88 4.96 30.48
N THR B 9 2.20 4.78 30.49
CA THR B 9 2.79 3.51 30.09
C THR B 9 2.38 2.41 31.07
N TYR B 10 1.97 1.27 30.53
CA TYR B 10 1.45 0.17 31.36
C TYR B 10 1.77 -1.14 30.63
N GLN B 11 2.77 -1.86 31.12
CA GLN B 11 3.14 -3.12 30.44
C GLN B 11 2.09 -4.20 30.64
N GLY B 12 1.43 -4.22 31.79
CA GLY B 12 0.41 -5.21 32.04
C GLY B 12 0.96 -6.63 32.16
N SER B 13 0.03 -7.57 32.18
CA SER B 13 0.36 -8.96 32.48
C SER B 13 1.25 -9.59 31.42
N TYR B 14 1.18 -9.10 30.18
CA TYR B 14 1.93 -9.71 29.08
C TYR B 14 3.27 -9.04 28.81
N GLY B 15 3.62 -8.00 29.57
CA GLY B 15 4.87 -7.29 29.35
C GLY B 15 4.90 -6.57 28.01
N PHE B 16 3.82 -5.86 27.69
CA PHE B 16 3.64 -5.23 26.39
C PHE B 16 4.42 -3.92 26.30
N ARG B 17 5.14 -3.75 25.18
CA ARG B 17 5.82 -2.48 24.91
C ARG B 17 6.13 -2.38 23.43
N LEU B 18 6.41 -1.15 22.98
CA LEU B 18 6.70 -0.89 21.58
C LEU B 18 8.19 -1.00 21.29
N GLY B 19 8.51 -1.10 20.00
CA GLY B 19 9.88 -0.95 19.56
C GLY B 19 9.89 -0.32 18.18
N PHE B 20 11.04 0.26 17.82
CA PHE B 20 11.18 0.96 16.56
C PHE B 20 12.48 0.56 15.89
N LEU B 21 12.47 0.57 14.56
CA LEU B 21 13.68 0.33 13.79
C LEU B 21 14.67 1.47 14.02
N HIS B 22 15.91 1.23 13.63
CA HIS B 22 16.96 2.24 13.67
C HIS B 22 17.26 2.67 12.25
N SER B 23 16.51 3.65 11.77
CA SER B 23 16.52 4.04 10.37
C SER B 23 17.48 5.17 10.05
N GLY B 24 18.05 5.84 11.05
CA GLY B 24 19.00 6.90 10.81
C GLY B 24 18.33 8.21 10.43
N THR B 25 19.17 9.17 10.05
CA THR B 25 18.69 10.53 9.80
C THR B 25 19.09 11.06 8.42
N ALA B 26 19.37 10.17 7.46
CA ALA B 26 19.70 10.64 6.12
C ALA B 26 18.55 11.45 5.53
N LYS B 27 18.89 12.30 4.56
CA LYS B 27 17.88 13.17 3.95
C LYS B 27 16.75 12.37 3.32
N SER B 28 17.05 11.16 2.82
CA SER B 28 16.06 10.36 2.09
C SER B 28 15.15 9.56 3.01
N VAL B 29 15.43 9.49 4.31
CA VAL B 29 14.67 8.60 5.19
C VAL B 29 13.22 9.05 5.27
N THR B 30 12.30 8.08 5.24
CA THR B 30 10.89 8.39 5.24
C THR B 30 10.24 8.28 6.61
N CYS B 31 10.87 7.58 7.55
CA CYS B 31 10.38 7.40 8.89
C CYS B 31 11.58 7.13 9.77
N THR B 32 11.69 7.84 10.90
CA THR B 32 12.80 7.63 11.81
C THR B 32 12.37 7.97 13.23
N TYR B 33 12.83 7.17 14.19
CA TYR B 33 12.40 7.28 15.57
C TYR B 33 13.54 7.77 16.45
N SER B 34 13.24 8.74 17.32
CA SER B 34 14.22 9.27 18.27
C SER B 34 13.96 8.72 19.66
N PRO B 35 14.78 7.81 20.17
CA PRO B 35 14.61 7.38 21.57
C PRO B 35 14.77 8.51 22.57
N ALA B 36 15.70 9.44 22.33
CA ALA B 36 15.92 10.52 23.28
C ALA B 36 14.68 11.41 23.42
N LEU B 37 13.93 11.59 22.34
CA LEU B 37 12.72 12.40 22.36
C LEU B 37 11.45 11.58 22.52
N ASN B 38 11.54 10.25 22.48
CA ASN B 38 10.38 9.36 22.31
C ASN B 38 9.44 9.89 21.24
N LYS B 39 10.02 10.12 20.05
CA LYS B 39 9.30 10.84 19.01
C LYS B 39 9.59 10.22 17.65
N LEU B 40 8.53 9.90 16.92
CA LEU B 40 8.61 9.38 15.57
C LEU B 40 8.46 10.55 14.59
N PHE B 41 9.34 10.60 13.59
CA PHE B 41 9.29 11.60 12.55
C PHE B 41 9.02 10.88 11.24
N CYS B 42 8.01 11.31 10.49
CA CYS B 42 7.68 10.59 9.28
C CYS B 42 7.15 11.52 8.21
N GLN B 43 7.27 11.07 6.96
CA GLN B 43 6.68 11.77 5.83
C GLN B 43 5.19 11.44 5.70
N LEU B 44 4.48 12.30 5.01
CA LEU B 44 3.04 12.16 4.84
C LEU B 44 2.70 10.85 4.15
N ALA B 45 1.84 10.06 4.79
CA ALA B 45 1.25 8.84 4.23
C ALA B 45 2.28 7.75 3.94
N LYS B 46 3.49 7.86 4.47
CA LYS B 46 4.50 6.82 4.26
C LYS B 46 4.43 5.75 5.35
N THR B 47 4.99 4.58 5.05
CA THR B 47 4.98 3.47 5.98
C THR B 47 5.75 3.79 7.24
N CYS B 48 5.10 3.61 8.39
CA CYS B 48 5.75 3.76 9.70
C CYS B 48 5.69 2.40 10.40
N PRO B 49 6.78 1.64 10.44
CA PRO B 49 6.76 0.35 11.13
C PRO B 49 6.85 0.55 12.63
N VAL B 50 5.91 -0.05 13.36
CA VAL B 50 5.92 -0.04 14.82
C VAL B 50 5.93 -1.49 15.28
N GLN B 51 6.91 -1.84 16.10
CA GLN B 51 7.02 -3.20 16.63
C GLN B 51 6.23 -3.32 17.92
N LEU B 52 5.62 -4.48 18.10
CA LEU B 52 4.99 -4.85 19.36
C LEU B 52 5.84 -5.97 19.97
N TRP B 53 6.16 -5.83 21.25
CA TRP B 53 6.94 -6.81 22.01
C TRP B 53 6.15 -7.24 23.23
N VAL B 54 6.21 -8.53 23.56
CA VAL B 54 5.60 -9.04 24.78
C VAL B 54 6.54 -10.06 25.42
N ASP B 55 6.39 -10.24 26.74
CA ASP B 55 7.10 -11.29 27.44
C ASP B 55 6.38 -12.64 27.38
N SER B 56 5.07 -12.63 27.18
CA SER B 56 4.31 -13.86 27.08
C SER B 56 3.18 -13.67 26.08
N THR B 57 2.75 -14.79 25.50
CA THR B 57 1.79 -14.79 24.40
C THR B 57 0.41 -14.38 24.89
N PRO B 58 -0.20 -13.33 24.34
CA PRO B 58 -1.60 -13.01 24.70
C PRO B 58 -2.56 -13.97 24.02
N PRO B 59 -3.80 -14.04 24.51
CA PRO B 59 -4.76 -15.03 23.99
C PRO B 59 -5.23 -14.71 22.59
N PRO B 60 -5.71 -15.71 21.86
CA PRO B 60 -6.35 -15.44 20.57
C PRO B 60 -7.50 -14.44 20.74
N GLY B 61 -7.58 -13.49 19.83
CA GLY B 61 -8.59 -12.46 19.89
C GLY B 61 -8.12 -11.16 20.51
N THR B 62 -6.92 -11.15 21.10
CA THR B 62 -6.33 -9.89 21.54
C THR B 62 -6.12 -8.98 20.33
N ARG B 63 -6.26 -7.67 20.54
CA ARG B 63 -6.13 -6.68 19.47
C ARG B 63 -5.22 -5.55 19.87
N VAL B 64 -4.77 -4.78 18.88
CA VAL B 64 -3.90 -3.62 19.10
C VAL B 64 -4.57 -2.41 18.47
N ARG B 65 -4.79 -1.36 19.27
CA ARG B 65 -5.48 -0.15 18.83
C ARG B 65 -4.51 1.03 18.85
N ALA B 66 -4.65 1.93 17.88
CA ALA B 66 -3.87 3.17 17.82
C ALA B 66 -4.83 4.35 17.80
N MET B 67 -4.48 5.39 18.55
CA MET B 67 -5.28 6.61 18.65
C MET B 67 -4.32 7.78 18.84
N ALA B 68 -4.64 8.94 18.26
CA ALA B 68 -3.85 10.14 18.45
C ALA B 68 -4.54 11.10 19.41
N ILE B 69 -3.74 11.78 20.23
CA ILE B 69 -4.23 12.90 21.04
C ILE B 69 -3.23 14.05 20.94
N TYR B 70 -3.70 15.27 21.19
CA TYR B 70 -2.78 16.40 21.29
C TYR B 70 -1.97 16.31 22.58
N LYS B 71 -0.69 16.65 22.47
CA LYS B 71 0.23 16.57 23.60
C LYS B 71 0.01 17.67 24.62
N GLN B 72 -0.27 18.89 24.16
CA GLN B 72 -0.33 20.04 25.05
C GLN B 72 -1.63 20.04 25.84
N SER B 73 -1.53 20.44 27.11
CA SER B 73 -2.70 20.41 27.99
CA SER B 73 -2.69 20.41 28.00
C SER B 73 -3.85 21.23 27.43
N GLN B 74 -3.54 22.36 26.77
CA GLN B 74 -4.59 23.22 26.24
C GLN B 74 -5.33 22.62 25.05
N HIS B 75 -4.75 21.61 24.40
CA HIS B 75 -5.37 21.01 23.22
C HIS B 75 -5.81 19.57 23.42
N MET B 76 -5.50 18.95 24.55
CA MET B 76 -5.73 17.53 24.70
CA MET B 76 -5.72 17.53 24.71
C MET B 76 -7.19 17.13 24.62
N THR B 77 -8.12 18.05 24.94
CA THR B 77 -9.54 17.66 24.85
C THR B 77 -10.10 17.74 23.43
N GLU B 78 -9.34 18.22 22.46
CA GLU B 78 -9.82 18.33 21.09
C GLU B 78 -9.50 17.06 20.32
N VAL B 79 -10.48 16.53 19.59
CA VAL B 79 -10.26 15.34 18.77
C VAL B 79 -9.22 15.63 17.69
N VAL B 80 -8.22 14.76 17.59
CA VAL B 80 -7.24 14.85 16.49
C VAL B 80 -7.90 14.29 15.24
N ARG B 81 -7.97 15.09 14.18
CA ARG B 81 -8.59 14.67 12.94
C ARG B 81 -7.83 15.26 11.77
N ARG B 82 -8.12 14.75 10.56
CA ARG B 82 -7.53 15.34 9.37
C ARG B 82 -8.10 16.72 9.09
N CYS B 83 -7.29 17.54 8.41
CA CYS B 83 -7.61 18.93 8.17
C CYS B 83 -8.72 19.06 7.13
N PRO B 84 -9.26 20.27 6.96
CA PRO B 84 -10.39 20.43 6.03
C PRO B 84 -10.03 20.12 4.60
N HIS B 85 -8.75 20.23 4.21
CA HIS B 85 -8.36 19.86 2.86
C HIS B 85 -8.26 18.34 2.72
N HIS B 86 -7.48 17.70 3.59
CA HIS B 86 -7.21 16.27 3.41
C HIS B 86 -8.45 15.41 3.62
N GLU B 87 -9.38 15.82 4.48
CA GLU B 87 -10.58 15.02 4.66
C GLU B 87 -11.46 15.03 3.41
N ARG B 88 -11.20 15.94 2.46
CA ARG B 88 -11.98 16.08 1.23
C ARG B 88 -11.21 15.68 -0.02
N CYS B 89 -10.07 15.00 0.10
N CYS B 89 -10.08 14.98 0.12
CA CYS B 89 -9.24 14.75 -1.08
CA CYS B 89 -9.19 14.68 -0.99
C CYS B 89 -9.44 13.34 -1.67
C CYS B 89 -9.56 13.44 -1.78
N SER B 90 -10.50 12.64 -1.29
CA SER B 90 -10.87 11.37 -1.96
C SER B 90 -9.72 10.37 -1.98
N ASP B 91 -8.95 10.31 -0.89
CA ASP B 91 -7.80 9.42 -0.85
C ASP B 91 -8.01 8.22 0.07
N SER B 92 -9.25 7.91 0.42
CA SER B 92 -9.51 6.76 1.26
C SER B 92 -9.25 5.46 0.50
N ASP B 93 -8.93 4.42 1.26
CA ASP B 93 -8.70 3.08 0.72
C ASP B 93 -9.95 2.22 0.74
N GLY B 94 -11.12 2.82 0.89
CA GLY B 94 -12.35 2.08 1.03
C GLY B 94 -12.61 1.54 2.42
N LEU B 95 -11.66 1.67 3.33
CA LEU B 95 -11.79 1.18 4.70
C LEU B 95 -11.63 2.30 5.72
N ALA B 96 -10.58 3.09 5.63
CA ALA B 96 -10.39 4.19 6.57
C ALA B 96 -11.36 5.31 6.22
N PRO B 97 -12.11 5.84 7.19
CA PRO B 97 -12.88 7.05 6.93
C PRO B 97 -11.94 8.18 6.56
N PRO B 98 -12.36 9.08 5.67
CA PRO B 98 -11.45 10.16 5.23
C PRO B 98 -11.04 11.11 6.34
N GLN B 99 -11.75 11.13 7.47
CA GLN B 99 -11.40 12.01 8.58
C GLN B 99 -10.25 11.47 9.44
N HIS B 100 -9.95 10.17 9.35
CA HIS B 100 -9.01 9.56 10.29
C HIS B 100 -7.56 9.87 9.97
N LEU B 101 -6.84 10.38 10.96
CA LEU B 101 -5.42 10.67 10.77
C LEU B 101 -4.59 9.39 10.58
N ILE B 102 -4.84 8.37 11.41
CA ILE B 102 -4.01 7.18 11.43
C ILE B 102 -4.69 6.07 10.66
N ARG B 103 -3.99 5.51 9.67
CA ARG B 103 -4.41 4.31 8.98
C ARG B 103 -3.43 3.18 9.25
N VAL B 104 -3.92 1.95 9.11
CA VAL B 104 -3.05 0.77 9.05
C VAL B 104 -2.92 0.39 7.58
N GLU B 105 -1.68 0.16 7.16
CA GLU B 105 -1.39 -0.21 5.78
C GLU B 105 -1.31 -1.71 5.66
N GLY B 106 -1.95 -2.26 4.62
CA GLY B 106 -1.78 -3.66 4.26
C GLY B 106 -2.35 -4.66 5.25
N ASN B 107 -3.50 -4.38 5.85
CA ASN B 107 -4.17 -5.33 6.73
C ASN B 107 -5.68 -5.18 6.53
N LEU B 108 -6.28 -6.10 5.78
CA LEU B 108 -7.71 -6.04 5.51
C LEU B 108 -8.56 -6.28 6.76
N ARG B 109 -7.96 -6.71 7.86
CA ARG B 109 -8.70 -6.89 9.10
C ARG B 109 -8.69 -5.66 9.99
N ALA B 110 -8.08 -4.57 9.54
CA ALA B 110 -8.14 -3.33 10.29
C ALA B 110 -9.57 -2.84 10.38
N GLU B 111 -9.95 -2.33 11.54
CA GLU B 111 -11.25 -1.74 11.76
C GLU B 111 -11.06 -0.33 12.29
N TYR B 112 -11.92 0.57 11.84
CA TYR B 112 -11.84 1.99 12.19
C TYR B 112 -13.05 2.34 13.05
N LEU B 113 -12.79 2.99 14.18
CA LEU B 113 -13.83 3.35 15.13
C LEU B 113 -13.97 4.86 15.22
N ASP B 114 -15.21 5.35 15.11
CA ASP B 114 -15.60 6.67 15.56
C ASP B 114 -16.32 6.46 16.89
N ASP B 115 -15.69 6.84 18.00
CA ASP B 115 -16.29 6.53 19.29
C ASP B 115 -17.61 7.29 19.44
N ARG B 116 -18.68 6.56 19.78
CA ARG B 116 -19.99 7.18 19.81
C ARG B 116 -20.15 8.19 20.93
N ASN B 117 -19.29 8.14 21.95
CA ASN B 117 -19.37 9.05 23.09
C ASN B 117 -18.32 10.14 23.09
N THR B 118 -17.07 9.81 22.74
CA THR B 118 -15.99 10.79 22.74
C THR B 118 -15.72 11.37 21.37
N PHE B 119 -16.23 10.75 20.31
CA PHE B 119 -15.99 11.16 18.93
C PHE B 119 -14.55 10.99 18.49
N ARG B 120 -13.71 10.36 19.31
CA ARG B 120 -12.34 10.14 18.90
C ARG B 120 -12.22 8.99 17.91
N HIS B 121 -11.19 9.06 17.08
CA HIS B 121 -10.94 8.07 16.05
C HIS B 121 -9.87 7.11 16.51
N SER B 122 -9.99 5.85 16.09
CA SER B 122 -8.93 4.89 16.32
C SER B 122 -9.00 3.81 15.25
N VAL B 123 -7.90 3.08 15.12
CA VAL B 123 -7.81 1.95 14.20
C VAL B 123 -7.26 0.76 14.98
N VAL B 124 -7.88 -0.39 14.80
CA VAL B 124 -7.57 -1.57 15.60
C VAL B 124 -7.38 -2.76 14.69
N VAL B 125 -6.39 -3.60 15.00
CA VAL B 125 -6.14 -4.81 14.22
C VAL B 125 -6.01 -6.00 15.15
N PRO B 126 -6.28 -7.21 14.67
CA PRO B 126 -6.02 -8.39 15.50
C PRO B 126 -4.53 -8.59 15.71
N CYS B 127 -4.16 -9.04 16.91
CA CYS B 127 -2.81 -9.51 17.15
C CYS B 127 -2.54 -10.77 16.34
N GLU B 128 -1.37 -10.83 15.72
CA GLU B 128 -0.90 -12.03 15.07
C GLU B 128 0.51 -12.34 15.56
N PRO B 129 0.86 -13.62 15.65
CA PRO B 129 2.19 -13.99 16.16
C PRO B 129 3.28 -13.51 15.22
N PRO B 130 4.50 -13.34 15.72
CA PRO B 130 5.60 -12.96 14.82
C PRO B 130 5.76 -13.97 13.69
N GLU B 131 6.21 -13.49 12.54
CA GLU B 131 6.53 -14.36 11.44
C GLU B 131 7.73 -15.23 11.81
N VAL B 132 7.86 -16.36 11.10
CA VAL B 132 9.01 -17.23 11.33
C VAL B 132 10.29 -16.44 11.13
N GLY B 133 11.24 -16.62 12.06
CA GLY B 133 12.49 -15.88 12.00
C GLY B 133 12.45 -14.48 12.57
N SER B 134 11.34 -14.10 13.21
CA SER B 134 11.23 -12.79 13.85
C SER B 134 10.80 -12.98 15.29
N ASP B 135 11.20 -12.04 16.14
CA ASP B 135 10.91 -12.08 17.57
C ASP B 135 9.79 -11.14 17.97
N CYS B 136 9.29 -10.33 17.05
CA CYS B 136 8.23 -9.38 17.36
C CYS B 136 7.29 -9.27 16.16
N THR B 137 6.17 -8.62 16.38
CA THR B 137 5.20 -8.36 15.33
C THR B 137 5.27 -6.88 14.99
N THR B 138 5.09 -6.56 13.71
CA THR B 138 5.14 -5.19 13.24
C THR B 138 3.79 -4.82 12.64
N ILE B 139 3.32 -3.61 12.98
CA ILE B 139 2.18 -3.00 12.32
C ILE B 139 2.71 -1.82 11.52
N HIS B 140 2.21 -1.65 10.30
CA HIS B 140 2.59 -0.52 9.45
CA HIS B 140 2.59 -0.51 9.47
C HIS B 140 1.49 0.53 9.54
N TYR B 141 1.82 1.70 10.10
CA TYR B 141 0.89 2.81 10.19
C TYR B 141 1.21 3.86 9.13
N ASN B 142 0.19 4.62 8.74
CA ASN B 142 0.36 5.78 7.88
C ASN B 142 -0.32 6.96 8.56
N TYR B 143 0.34 8.12 8.56
CA TYR B 143 -0.23 9.35 9.08
C TYR B 143 -0.62 10.24 7.91
N MET B 144 -1.88 10.68 7.88
CA MET B 144 -2.50 11.19 6.66
C MET B 144 -2.64 12.71 6.59
N CYS B 145 -2.01 13.44 7.51
CA CYS B 145 -1.86 14.89 7.44
C CYS B 145 -0.47 15.25 7.93
N TYR B 146 0.04 16.38 7.48
CA TYR B 146 1.24 16.98 8.07
C TYR B 146 0.91 17.59 9.42
N SER B 147 1.90 17.59 10.32
CA SER B 147 1.71 18.29 11.59
C SER B 147 1.32 19.75 11.37
N SER B 148 1.75 20.35 10.27
CA SER B 148 1.49 21.75 10.00
C SER B 148 0.15 22.03 9.33
N CYS B 149 -0.65 21.01 9.01
CA CYS B 149 -1.85 21.25 8.19
C CYS B 149 -2.78 22.27 8.83
N MET B 150 -3.10 23.33 8.09
CA MET B 150 -3.98 24.37 8.60
C MET B 150 -5.39 23.82 8.81
N GLY B 151 -6.01 24.22 9.92
CA GLY B 151 -7.34 23.73 10.25
C GLY B 151 -7.38 22.30 10.76
N GLY B 152 -6.24 21.62 10.79
CA GLY B 152 -6.13 20.31 11.43
C GLY B 152 -5.16 20.39 12.58
N MET B 153 -4.09 19.60 12.55
CA MET B 153 -3.12 19.65 13.64
C MET B 153 -2.54 21.05 13.81
N ASN B 154 -2.34 21.78 12.71
CA ASN B 154 -1.97 23.19 12.77
C ASN B 154 -0.77 23.45 13.67
N ARG B 155 0.28 22.64 13.48
CA ARG B 155 1.57 22.76 14.14
C ARG B 155 1.55 22.28 15.60
N ARG B 156 0.43 21.74 16.08
CA ARG B 156 0.36 21.27 17.46
C ARG B 156 0.87 19.84 17.55
N PRO B 157 1.79 19.56 18.46
CA PRO B 157 2.32 18.18 18.58
C PRO B 157 1.25 17.21 19.04
N ILE B 158 1.36 15.99 18.54
CA ILE B 158 0.47 14.89 18.92
C ILE B 158 1.28 13.74 19.50
N LEU B 159 0.57 12.88 20.22
CA LEU B 159 1.05 11.58 20.65
C LEU B 159 0.17 10.52 20.02
N THR B 160 0.77 9.38 19.67
CA THR B 160 0.02 8.17 19.36
C THR B 160 0.05 7.28 20.59
N ILE B 161 -1.12 6.80 21.00
CA ILE B 161 -1.28 5.87 22.11
C ILE B 161 -1.61 4.51 21.51
N ILE B 162 -0.81 3.50 21.83
CA ILE B 162 -1.02 2.14 21.36
C ILE B 162 -1.49 1.33 22.55
N THR B 163 -2.65 0.70 22.41
CA THR B 163 -3.19 -0.12 23.48
CA THR B 163 -3.23 -0.11 23.48
C THR B 163 -3.36 -1.55 23.02
N LEU B 164 -2.98 -2.47 23.91
CA LEU B 164 -3.26 -3.89 23.74
C LEU B 164 -4.57 -4.14 24.48
N GLU B 165 -5.53 -4.79 23.81
CA GLU B 165 -6.88 -4.95 24.34
C GLU B 165 -7.34 -6.38 24.18
N ASP B 166 -8.19 -6.83 25.11
CA ASP B 166 -8.83 -8.12 24.92
C ASP B 166 -9.96 -8.01 23.89
N SER B 167 -10.61 -9.14 23.63
CA SER B 167 -11.63 -9.15 22.57
C SER B 167 -12.85 -8.29 22.90
N SER B 168 -13.06 -7.94 24.17
CA SER B 168 -14.12 -7.01 24.58
C SER B 168 -13.68 -5.56 24.53
N GLY B 169 -12.40 -5.30 24.30
CA GLY B 169 -11.89 -3.95 24.35
C GLY B 169 -11.30 -3.53 25.68
N ASN B 170 -11.20 -4.44 26.65
CA ASN B 170 -10.62 -4.10 27.94
C ASN B 170 -9.11 -3.96 27.83
N LEU B 171 -8.57 -3.03 28.61
CA LEU B 171 -7.15 -2.68 28.52
C LEU B 171 -6.27 -3.80 29.06
N LEU B 172 -5.27 -4.19 28.27
CA LEU B 172 -4.23 -5.11 28.72
C LEU B 172 -2.85 -4.48 28.82
N GLY B 173 -2.58 -3.45 28.03
CA GLY B 173 -1.28 -2.79 28.04
C GLY B 173 -1.36 -1.49 27.26
N ARG B 174 -0.43 -0.59 27.54
CA ARG B 174 -0.46 0.73 26.90
C ARG B 174 0.96 1.25 26.75
N ASP B 175 1.22 1.91 25.62
CA ASP B 175 2.49 2.60 25.37
C ASP B 175 2.16 3.80 24.48
N SER B 176 3.12 4.69 24.29
CA SER B 176 2.85 5.88 23.49
C SER B 176 4.14 6.49 22.99
N PHE B 177 4.01 7.34 21.97
CA PHE B 177 5.13 8.07 21.40
C PHE B 177 4.61 9.34 20.74
N GLU B 178 5.44 10.39 20.74
CA GLU B 178 5.10 11.61 20.03
C GLU B 178 5.32 11.38 18.53
N VAL B 179 4.61 12.14 17.70
CA VAL B 179 4.75 12.03 16.25
C VAL B 179 4.84 13.43 15.66
N ARG B 180 5.76 13.60 14.71
CA ARG B 180 5.79 14.76 13.83
C ARG B 180 5.73 14.23 12.40
N VAL B 181 4.72 14.66 11.65
CA VAL B 181 4.60 14.35 10.23
C VAL B 181 5.11 15.55 9.46
N CYS B 182 6.17 15.35 8.67
CA CYS B 182 6.90 16.48 8.10
C CYS B 182 7.59 16.05 6.82
N ALA B 183 8.05 17.04 6.05
CA ALA B 183 8.65 16.75 4.75
C ALA B 183 10.02 16.10 4.87
N CYS B 184 10.80 16.44 5.89
CA CYS B 184 12.18 15.98 6.03
CA CYS B 184 12.18 15.97 6.03
C CYS B 184 12.40 15.41 7.42
N PRO B 185 11.92 14.19 7.67
CA PRO B 185 12.06 13.60 9.03
C PRO B 185 13.49 13.50 9.51
N GLY B 186 14.43 13.16 8.64
CA GLY B 186 15.81 13.02 9.09
C GLY B 186 16.39 14.33 9.58
N ARG B 187 16.18 15.40 8.81
CA ARG B 187 16.65 16.71 9.21
C ARG B 187 15.95 17.17 10.49
N ASP B 188 14.64 16.97 10.59
CA ASP B 188 13.93 17.46 11.77
C ASP B 188 14.34 16.68 13.03
N ARG B 189 14.57 15.38 12.90
CA ARG B 189 15.05 14.63 14.05
C ARG B 189 16.42 15.14 14.49
N ARG B 190 17.33 15.37 13.54
CA ARG B 190 18.65 15.88 13.89
C ARG B 190 18.54 17.24 14.59
N THR B 191 17.69 18.11 14.07
CA THR B 191 17.51 19.43 14.66
C THR B 191 16.95 19.33 16.08
N GLU B 192 15.89 18.54 16.27
CA GLU B 192 15.27 18.48 17.59
C GLU B 192 16.17 17.79 18.60
N GLU B 193 16.96 16.80 18.17
CA GLU B 193 17.93 16.19 19.09
C GLU B 193 19.04 17.16 19.43
N GLU B 194 19.45 17.99 18.47
CA GLU B 194 20.45 19.02 18.75
C GLU B 194 19.91 20.03 19.74
N ASN B 195 18.65 20.45 19.58
CA ASN B 195 18.03 21.34 20.56
C ASN B 195 18.06 20.72 21.95
N LEU B 196 17.80 19.42 22.05
CA LEU B 196 17.77 18.77 23.35
C LEU B 196 19.12 18.87 24.05
N ARG B 197 20.21 18.58 23.33
CA ARG B 197 21.53 18.67 23.92
C ARG B 197 21.82 20.08 24.42
N LYS B 198 21.41 21.10 23.65
CA LYS B 198 21.62 22.49 24.05
C LYS B 198 20.43 23.01 24.84
ZN ZN C . -5.03 6.11 -25.01
C10 9GW D . -3.74 -25.09 -11.83
C17 9GW D . -0.36 -20.34 -13.57
C01 9GW D . 1.20 -25.74 -11.87
N01 9GW D . 0.53 -22.13 -12.58
O01 9GW D . 4.62 -24.48 -11.74
C02 9GW D . 0.46 -24.58 -12.16
O02 9GW D . -0.90 -24.57 -12.32
C03 9GW D . 1.15 -23.37 -12.31
O03 9GW D . 2.59 -28.06 -11.30
C04 9GW D . 2.55 -23.33 -12.16
O04 9GW D . 4.57 -26.92 -11.28
C05 9GW D . 3.26 -24.51 -11.87
C06 9GW D . 2.60 -25.72 -11.72
C07 9GW D . 3.31 -27.00 -11.41
C08 9GW D . -1.50 -25.81 -12.71
C09 9GW D . -2.96 -25.56 -13.04
C16 9GW D . 0.11 -21.61 -13.78
C18 9GW D . -0.23 -20.06 -12.19
C19 9GW D . 0.34 -21.17 -11.60
I01 9GW D . 3.66 -21.54 -12.40
ZN ZN E . -3.99 17.80 6.17
C1 GOL F . 5.13 20.16 4.64
O1 GOL F . 4.57 21.21 3.88
C2 GOL F . 5.92 20.73 5.82
O2 GOL F . 5.04 21.48 6.64
C3 GOL F . 6.50 19.60 6.64
O3 GOL F . 7.69 20.03 7.27
C1 GOL G . -16.24 12.46 12.70
O1 GOL G . -15.03 12.50 11.99
C2 GOL G . -16.06 11.62 13.97
O2 GOL G . -15.33 12.33 14.97
C3 GOL G . -17.44 11.24 14.48
O3 GOL G . -17.32 10.47 15.65
C10 9GW H . -2.71 -12.86 20.28
C17 9GW H . 0.55 -8.15 18.54
C01 9GW H . 2.14 -13.56 20.18
N01 9GW H . 1.48 -9.93 19.51
O01 9GW H . 5.57 -12.31 20.39
C02 9GW H . 1.41 -12.39 19.90
O02 9GW H . 0.06 -12.35 19.71
C03 9GW H . 2.11 -11.18 19.77
O03 9GW H . 3.55 -15.88 20.73
C04 9GW H . 3.50 -11.14 19.94
O04 9GW H . 5.50 -14.72 20.84
C05 9GW H . 4.20 -12.33 20.23
C06 9GW H . 3.52 -13.53 20.35
C07 9GW H . 4.25 -14.82 20.67
C08 9GW H . -0.54 -13.58 19.26
C09 9GW H . -2.02 -13.34 19.03
C16 9GW H . 1.04 -9.42 18.32
C18 9GW H . 0.72 -7.86 19.90
C19 9GW H . 1.30 -8.96 20.48
I01 9GW H . 4.61 -9.34 19.75
#